data_7L0A
#
_entry.id   7L0A
#
_cell.length_a   128.303
_cell.length_b   80.500
_cell.length_c   66.651
_cell.angle_alpha   90.000
_cell.angle_beta   113.840
_cell.angle_gamma   90.000
#
_symmetry.space_group_name_H-M   'C 1 2 1'
#
loop_
_entity.id
_entity.type
_entity.pdbx_description
1 polymer 'Esterase family protein'
2 non-polymer 'MAGNESIUM ION'
3 water water
#
_entity_poly.entity_id   1
_entity_poly.type   'polypeptide(L)'
_entity_poly.pdbx_seq_one_letter_code
;GLVPRGSHMAYISLNYHSPTIGMHQNLTVILPEDQSFFNSDTTVKPLKTLMLLHGLSSDETTYMRYTSIERYANEHKLAV
IMPNVDHSAYANMAYGHSYYDYILEVYDYVHQIFPLSKKRDDNFIAGHSMGGYGTIKFALTQGDKFAKAVPLSAVFEAQN
LMDLEWNDFSKEAIIGNLSSVKGTEHDPYYLLDKAVAEDKQIPKLLIMCGKQDFLYQDNLDFIDYLSRINVPYQFEDGPG
DHDYAYWDQAIKRAITWMVND
;
_entity_poly.pdbx_strand_id   A,B
#
loop_
_chem_comp.id
_chem_comp.type
_chem_comp.name
_chem_comp.formula
MG non-polymer 'MAGNESIUM ION' 'Mg 2'
#
# COMPACT_ATOMS: atom_id res chain seq x y z
N GLY A 1 -4.64 -7.57 19.75
CA GLY A 1 -4.93 -7.45 18.33
C GLY A 1 -4.67 -8.74 17.58
N LEU A 2 -5.61 -9.15 16.73
CA LEU A 2 -5.50 -10.42 16.04
C LEU A 2 -4.44 -10.35 14.93
N VAL A 3 -3.81 -11.49 14.68
CA VAL A 3 -2.76 -11.60 13.67
C VAL A 3 -3.11 -12.72 12.71
N PRO A 4 -2.53 -12.71 11.50
CA PRO A 4 -2.90 -13.74 10.52
C PRO A 4 -2.52 -15.13 10.96
N ARG A 5 -3.42 -16.08 10.66
CA ARG A 5 -3.11 -17.50 10.68
C ARG A 5 -2.62 -17.88 9.29
N GLY A 6 -1.50 -18.52 9.20
CA GLY A 6 -1.07 -19.03 7.93
C GLY A 6 -0.65 -17.89 7.04
N SER A 7 -0.50 -18.24 5.78
CA SER A 7 0.18 -17.40 4.80
C SER A 7 -0.80 -16.64 3.93
N HIS A 8 -0.71 -15.29 3.99
CA HIS A 8 -1.53 -14.41 3.21
C HIS A 8 -0.63 -13.32 2.67
N MET A 9 -1.04 -12.77 1.52
N MET A 9 -1.08 -12.71 1.58
CA MET A 9 -0.36 -11.67 0.86
CA MET A 9 -0.34 -11.69 0.85
C MET A 9 -1.26 -10.46 0.78
C MET A 9 -1.22 -10.47 0.64
N ALA A 10 -0.65 -9.30 0.93
CA ALA A 10 -1.28 -8.05 0.56
C ALA A 10 -0.90 -7.71 -0.88
N TYR A 11 -1.90 -7.41 -1.71
CA TYR A 11 -1.70 -6.96 -3.09
C TYR A 11 -1.80 -5.45 -3.11
N ILE A 12 -0.71 -4.80 -3.53
CA ILE A 12 -0.55 -3.34 -3.41
C ILE A 12 -0.28 -2.77 -4.79
N SER A 13 -1.10 -1.82 -5.20
N SER A 13 -1.10 -1.80 -5.20
CA SER A 13 -0.80 -0.97 -6.35
CA SER A 13 -0.83 -0.98 -6.37
C SER A 13 -0.41 0.41 -5.85
C SER A 13 -0.46 0.44 -5.92
N LEU A 14 0.70 0.92 -6.33
CA LEU A 14 1.24 2.21 -5.90
CA LEU A 14 1.25 2.21 -5.91
C LEU A 14 1.53 3.07 -7.11
N ASN A 15 1.08 4.32 -7.06
CA ASN A 15 1.45 5.28 -8.08
C ASN A 15 2.18 6.41 -7.38
N TYR A 16 3.40 6.74 -7.83
CA TYR A 16 4.18 7.75 -7.14
C TYR A 16 4.91 8.61 -8.18
N HIS A 17 5.25 9.84 -7.78
CA HIS A 17 6.05 10.70 -8.63
C HIS A 17 7.53 10.40 -8.42
N SER A 18 8.21 10.03 -9.49
CA SER A 18 9.61 9.65 -9.43
C SER A 18 10.50 10.87 -9.54
N PRO A 19 11.26 11.22 -8.50
CA PRO A 19 12.23 12.31 -8.65
C PRO A 19 13.22 12.05 -9.76
N THR A 20 13.55 10.78 -10.04
CA THR A 20 14.59 10.50 -11.02
C THR A 20 14.16 10.88 -12.43
N ILE A 21 12.97 10.48 -12.84
CA ILE A 21 12.51 10.76 -14.19
C ILE A 21 11.48 11.86 -14.26
N GLY A 22 11.10 12.45 -13.13
CA GLY A 22 10.15 13.54 -13.14
C GLY A 22 8.80 13.18 -13.73
N MET A 23 8.36 11.95 -13.51
CA MET A 23 7.06 11.49 -14.00
C MET A 23 6.45 10.55 -12.98
N HIS A 24 5.12 10.46 -13.00
CA HIS A 24 4.43 9.45 -12.23
C HIS A 24 4.62 8.06 -12.82
N GLN A 25 4.77 7.08 -11.93
CA GLN A 25 5.05 5.71 -12.34
C GLN A 25 4.25 4.77 -11.47
N ASN A 26 3.79 3.67 -12.05
CA ASN A 26 3.10 2.62 -11.31
C ASN A 26 4.06 1.55 -10.82
N LEU A 27 3.81 1.05 -9.61
CA LEU A 27 4.48 -0.12 -9.08
C LEU A 27 3.43 -1.11 -8.58
N THR A 28 3.72 -2.39 -8.74
CA THR A 28 2.99 -3.44 -8.03
C THR A 28 3.89 -4.02 -6.94
N VAL A 29 3.33 -4.22 -5.75
CA VAL A 29 4.08 -4.78 -4.61
C VAL A 29 3.17 -5.84 -4.02
N ILE A 30 3.68 -7.04 -3.88
CA ILE A 30 3.01 -8.06 -3.09
C ILE A 30 3.83 -8.26 -1.82
N LEU A 31 3.15 -8.12 -0.68
CA LEU A 31 3.80 -8.01 0.62
C LEU A 31 3.22 -9.05 1.56
N PRO A 32 3.98 -10.06 1.96
CA PRO A 32 3.46 -11.04 2.91
C PRO A 32 2.90 -10.42 4.19
N GLU A 33 1.83 -11.01 4.72
CA GLU A 33 1.20 -10.52 5.94
C GLU A 33 1.85 -11.18 7.17
N ASP A 34 3.05 -10.73 7.46
CA ASP A 34 3.74 -11.26 8.62
C ASP A 34 3.00 -10.86 9.88
N GLN A 35 2.97 -11.78 10.87
CA GLN A 35 2.30 -11.49 12.12
C GLN A 35 2.83 -10.23 12.81
N SER A 36 4.12 -9.93 12.64
CA SER A 36 4.67 -8.74 13.27
C SER A 36 4.05 -7.46 12.72
N PHE A 37 3.44 -7.51 11.55
CA PHE A 37 2.86 -6.30 10.97
C PHE A 37 1.50 -5.96 11.58
N PHE A 38 0.92 -6.87 12.36
CA PHE A 38 -0.38 -6.69 12.98
C PHE A 38 -0.29 -6.51 14.49
N ASN A 39 0.92 -6.57 15.05
CA ASN A 39 1.16 -6.54 16.48
C ASN A 39 1.89 -5.23 16.74
N SER A 40 1.18 -4.27 17.33
CA SER A 40 1.79 -2.96 17.58
C SER A 40 2.85 -2.99 18.67
N ASP A 41 3.01 -4.11 19.37
CA ASP A 41 3.98 -4.15 20.45
C ASP A 41 5.30 -4.78 20.06
N THR A 42 5.45 -5.24 18.84
CA THR A 42 6.69 -5.91 18.41
C THR A 42 7.37 -5.11 17.31
N THR A 43 8.65 -5.28 17.09
CA THR A 43 9.30 -4.62 15.95
C THR A 43 8.92 -5.39 14.68
N VAL A 44 8.85 -4.75 13.53
CA VAL A 44 8.47 -5.45 12.27
C VAL A 44 9.62 -6.37 11.86
N LYS A 45 9.31 -7.53 11.31
CA LYS A 45 10.33 -8.48 10.84
C LYS A 45 10.61 -8.09 9.40
N PRO A 46 11.78 -7.58 8.99
CA PRO A 46 11.96 -7.23 7.59
C PRO A 46 11.94 -8.49 6.69
N LEU A 47 11.33 -8.38 5.51
CA LEU A 47 11.09 -9.53 4.65
C LEU A 47 12.13 -9.64 3.54
N LYS A 48 12.40 -10.88 3.13
CA LYS A 48 13.16 -11.09 1.90
C LYS A 48 12.38 -10.52 0.72
N THR A 49 13.13 -10.01 -0.27
CA THR A 49 12.55 -9.13 -1.28
C THR A 49 13.16 -9.41 -2.66
N LEU A 50 12.28 -9.59 -3.64
CA LEU A 50 12.64 -9.75 -5.04
C LEU A 50 12.26 -8.51 -5.84
N MET A 51 13.23 -7.97 -6.58
CA MET A 51 12.96 -6.98 -7.61
C MET A 51 12.78 -7.73 -8.93
N LEU A 52 11.61 -7.58 -9.55
CA LEU A 52 11.26 -8.34 -10.76
C LEU A 52 11.01 -7.39 -11.91
N LEU A 53 11.73 -7.61 -13.02
CA LEU A 53 11.72 -6.72 -14.17
C LEU A 53 11.07 -7.38 -15.38
N HIS A 54 9.92 -6.85 -15.78
CA HIS A 54 9.22 -7.34 -16.96
C HIS A 54 9.89 -6.82 -18.23
N GLY A 55 9.49 -7.40 -19.37
CA GLY A 55 10.01 -7.02 -20.67
C GLY A 55 9.19 -5.92 -21.34
N LEU A 56 9.58 -5.59 -22.57
CA LEU A 56 8.99 -4.42 -23.22
C LEU A 56 7.60 -4.65 -23.79
N SER A 57 7.07 -5.87 -23.74
CA SER A 57 5.70 -6.12 -24.16
C SER A 57 4.75 -6.22 -22.99
N SER A 58 5.16 -5.77 -21.80
CA SER A 58 4.41 -5.93 -20.58
C SER A 58 4.33 -4.59 -19.83
N ASP A 59 3.55 -4.59 -18.75
CA ASP A 59 3.55 -3.51 -17.77
C ASP A 59 3.61 -4.15 -16.38
N GLU A 60 3.43 -3.34 -15.35
CA GLU A 60 3.59 -3.78 -13.96
C GLU A 60 2.49 -4.71 -13.48
N THR A 61 1.46 -4.97 -14.30
CA THR A 61 0.39 -5.90 -13.96
C THR A 61 0.53 -7.24 -14.66
N THR A 62 1.44 -7.35 -15.65
CA THR A 62 1.37 -8.52 -16.51
C THR A 62 1.75 -9.80 -15.77
N TYR A 63 2.81 -9.77 -14.94
CA TYR A 63 3.17 -10.97 -14.18
C TYR A 63 2.00 -11.41 -13.29
N MET A 64 1.31 -10.47 -12.67
CA MET A 64 0.17 -10.81 -11.82
C MET A 64 -0.87 -11.57 -12.62
N ARG A 65 -1.16 -11.09 -13.83
CA ARG A 65 -2.25 -11.61 -14.63
C ARG A 65 -1.85 -12.90 -15.35
N TYR A 66 -0.65 -12.97 -15.91
CA TYR A 66 -0.32 -14.05 -16.82
C TYR A 66 0.51 -15.14 -16.19
N THR A 67 0.79 -15.04 -14.90
CA THR A 67 1.43 -16.11 -14.15
C THR A 67 0.67 -16.26 -12.83
N SER A 68 1.07 -17.25 -12.03
CA SER A 68 0.61 -17.35 -10.65
C SER A 68 1.68 -16.92 -9.65
N ILE A 69 2.51 -15.92 -10.01
CA ILE A 69 3.62 -15.53 -9.15
C ILE A 69 3.17 -15.24 -7.72
N GLU A 70 2.02 -14.60 -7.53
CA GLU A 70 1.64 -14.29 -6.15
C GLU A 70 1.44 -15.55 -5.31
N ARG A 71 0.92 -16.63 -5.92
CA ARG A 71 0.75 -17.88 -5.19
C ARG A 71 2.11 -18.48 -4.79
N TYR A 72 3.10 -18.37 -5.67
CA TYR A 72 4.43 -18.88 -5.37
C TYR A 72 5.09 -18.06 -4.27
N ALA A 73 4.95 -16.74 -4.36
CA ALA A 73 5.54 -15.85 -3.39
C ALA A 73 4.85 -16.00 -2.05
N ASN A 74 3.55 -16.21 -2.04
CA ASN A 74 2.87 -16.43 -0.77
C ASN A 74 3.38 -17.67 -0.05
N GLU A 75 3.54 -18.78 -0.77
CA GLU A 75 4.10 -19.99 -0.18
C GLU A 75 5.47 -19.77 0.48
N HIS A 76 6.32 -18.96 -0.14
CA HIS A 76 7.68 -18.78 0.31
C HIS A 76 7.90 -17.47 1.06
N LYS A 77 6.83 -16.78 1.43
CA LYS A 77 6.88 -15.56 2.23
C LYS A 77 7.84 -14.53 1.64
N LEU A 78 7.76 -14.33 0.33
CA LEU A 78 8.64 -13.43 -0.40
C LEU A 78 7.89 -12.17 -0.84
N ALA A 79 8.44 -11.01 -0.50
CA ALA A 79 7.95 -9.77 -1.06
C ALA A 79 8.47 -9.62 -2.47
N VAL A 80 7.61 -9.14 -3.36
CA VAL A 80 8.02 -8.96 -4.76
C VAL A 80 7.66 -7.55 -5.18
N ILE A 81 8.61 -6.87 -5.83
CA ILE A 81 8.50 -5.49 -6.28
C ILE A 81 8.53 -5.53 -7.79
N MET A 82 7.44 -5.06 -8.42
CA MET A 82 7.30 -5.09 -9.90
C MET A 82 7.08 -3.67 -10.40
N PRO A 83 8.16 -2.95 -10.73
CA PRO A 83 8.04 -1.58 -11.24
C PRO A 83 7.63 -1.60 -12.70
N ASN A 84 6.89 -0.56 -13.10
CA ASN A 84 6.67 -0.36 -14.53
C ASN A 84 7.99 0.01 -15.19
N VAL A 85 8.35 -0.78 -16.21
CA VAL A 85 9.45 -0.50 -17.14
C VAL A 85 8.92 -0.74 -18.56
N ASP A 86 7.78 -0.14 -18.90
CA ASP A 86 7.11 -0.41 -20.18
C ASP A 86 7.85 0.33 -21.27
N HIS A 87 7.40 0.14 -22.51
CA HIS A 87 8.23 0.46 -23.64
C HIS A 87 8.51 1.96 -23.70
N SER A 88 7.49 2.80 -23.48
CA SER A 88 7.73 4.25 -23.52
C SER A 88 8.57 4.70 -22.33
N ALA A 89 8.30 4.14 -21.14
CA ALA A 89 9.10 4.53 -19.97
C ALA A 89 10.55 4.14 -20.16
N TYR A 90 10.81 2.93 -20.68
CA TYR A 90 12.18 2.52 -20.93
C TYR A 90 12.87 3.41 -21.95
N ALA A 91 12.16 3.75 -23.04
CA ALA A 91 12.74 4.61 -24.06
C ALA A 91 13.19 5.93 -23.43
N ASN A 92 12.41 6.48 -22.49
CA ASN A 92 12.80 7.73 -21.85
C ASN A 92 13.99 7.52 -20.92
N MET A 93 14.01 6.41 -20.17
CA MET A 93 15.13 6.11 -19.29
C MET A 93 16.41 5.84 -20.07
N ALA A 94 16.29 5.15 -21.22
CA ALA A 94 17.47 4.89 -22.03
C ALA A 94 18.02 6.17 -22.66
N TYR A 95 17.14 7.03 -23.16
CA TYR A 95 17.62 8.27 -23.77
C TYR A 95 18.27 9.18 -22.73
N GLY A 96 17.60 9.36 -21.59
CA GLY A 96 18.13 10.20 -20.54
C GLY A 96 19.15 9.56 -19.66
N HIS A 97 19.54 8.32 -19.96
CA HIS A 97 20.52 7.59 -19.15
C HIS A 97 20.12 7.56 -17.68
N SER A 98 18.88 7.16 -17.43
CA SER A 98 18.34 7.16 -16.07
C SER A 98 17.75 5.81 -15.67
N TYR A 99 18.08 4.74 -16.41
CA TYR A 99 17.51 3.43 -16.13
C TYR A 99 18.06 2.84 -14.83
N TYR A 100 19.39 2.80 -14.70
CA TYR A 100 19.99 2.39 -13.43
C TYR A 100 19.44 3.25 -12.30
N ASP A 101 19.39 4.56 -12.53
CA ASP A 101 18.94 5.48 -11.48
C ASP A 101 17.51 5.17 -11.08
N TYR A 102 16.63 4.86 -12.05
CA TYR A 102 15.23 4.61 -11.71
C TYR A 102 15.07 3.33 -10.92
N ILE A 103 15.68 2.24 -11.38
CA ILE A 103 15.48 0.98 -10.65
C ILE A 103 16.09 1.08 -9.26
N LEU A 104 17.25 1.75 -9.12
CA LEU A 104 17.83 1.98 -7.80
C LEU A 104 16.93 2.87 -6.93
N GLU A 105 16.26 3.85 -7.55
CA GLU A 105 15.30 4.67 -6.85
C GLU A 105 14.13 3.84 -6.34
N VAL A 106 13.59 2.96 -7.19
CA VAL A 106 12.50 2.09 -6.75
C VAL A 106 12.95 1.25 -5.58
N TYR A 107 14.13 0.63 -5.71
CA TYR A 107 14.71 -0.16 -4.62
C TYR A 107 14.77 0.65 -3.34
N ASP A 108 15.35 1.86 -3.40
CA ASP A 108 15.51 2.66 -2.18
C ASP A 108 14.16 3.05 -1.60
N TYR A 109 13.23 3.48 -2.46
CA TYR A 109 11.91 3.93 -1.99
C TYR A 109 11.16 2.81 -1.29
N VAL A 110 11.08 1.63 -1.91
CA VAL A 110 10.28 0.58 -1.28
C VAL A 110 10.96 0.06 -0.02
N HIS A 111 12.29 0.07 0.05
CA HIS A 111 12.93 -0.35 1.30
C HIS A 111 12.80 0.73 2.39
N GLN A 112 12.59 1.99 2.02
CA GLN A 112 12.31 3.00 3.03
C GLN A 112 10.88 2.91 3.55
N ILE A 113 9.89 2.71 2.67
CA ILE A 113 8.51 2.87 3.11
C ILE A 113 7.86 1.54 3.51
N PHE A 114 8.45 0.41 3.19
CA PHE A 114 7.91 -0.90 3.49
C PHE A 114 8.88 -1.70 4.36
N PRO A 115 8.38 -2.73 5.11
CA PRO A 115 9.23 -3.59 5.97
C PRO A 115 10.00 -4.65 5.21
N LEU A 116 10.98 -4.16 4.44
CA LEU A 116 11.81 -4.99 3.56
C LEU A 116 13.23 -5.04 4.08
N SER A 117 13.79 -6.24 4.13
CA SER A 117 15.15 -6.39 4.58
C SER A 117 16.10 -5.61 3.69
N LYS A 118 17.07 -4.95 4.31
CA LYS A 118 18.10 -4.22 3.60
C LYS A 118 19.38 -5.02 3.44
N LYS A 119 19.40 -6.25 3.94
CA LYS A 119 20.59 -7.08 3.86
C LYS A 119 20.74 -7.73 2.49
N ARG A 120 21.98 -7.76 1.97
CA ARG A 120 22.23 -8.35 0.67
C ARG A 120 21.66 -9.77 0.59
N ASP A 121 21.87 -10.57 1.64
CA ASP A 121 21.47 -11.98 1.57
C ASP A 121 19.96 -12.15 1.40
N ASP A 122 19.19 -11.10 1.64
CA ASP A 122 17.74 -11.12 1.58
C ASP A 122 17.18 -10.43 0.34
N ASN A 123 18.01 -10.00 -0.59
CA ASN A 123 17.56 -9.25 -1.74
C ASN A 123 17.99 -9.92 -3.03
N PHE A 124 17.03 -10.09 -3.91
CA PHE A 124 17.20 -10.82 -5.16
C PHE A 124 16.66 -9.98 -6.31
N ILE A 125 17.13 -10.29 -7.52
CA ILE A 125 16.65 -9.62 -8.71
C ILE A 125 16.45 -10.65 -9.82
N ALA A 126 15.45 -10.41 -10.66
CA ALA A 126 15.06 -11.34 -11.71
C ALA A 126 14.29 -10.58 -12.77
N GLY A 127 14.22 -11.15 -13.96
CA GLY A 127 13.47 -10.50 -15.05
C GLY A 127 13.62 -11.31 -16.32
N HIS A 128 12.71 -11.05 -17.26
CA HIS A 128 12.74 -11.76 -18.53
C HIS A 128 12.90 -10.81 -19.71
N SER A 129 13.55 -11.33 -20.76
CA SER A 129 13.76 -10.61 -22.03
C SER A 129 14.52 -9.34 -21.73
N MET A 130 14.02 -8.14 -22.06
CA MET A 130 14.74 -6.93 -21.70
C MET A 130 14.92 -6.78 -20.20
N GLY A 131 14.01 -7.37 -19.40
CA GLY A 131 14.20 -7.45 -17.97
C GLY A 131 15.26 -8.44 -17.55
N GLY A 132 15.59 -9.40 -18.41
CA GLY A 132 16.70 -10.28 -18.13
C GLY A 132 18.01 -9.60 -18.43
N TYR A 133 18.03 -8.87 -19.54
CA TYR A 133 19.16 -7.97 -19.85
C TYR A 133 19.38 -7.00 -18.69
N GLY A 134 18.32 -6.37 -18.19
CA GLY A 134 18.46 -5.52 -17.01
C GLY A 134 18.99 -6.26 -15.79
N THR A 135 18.47 -7.46 -15.55
CA THR A 135 18.93 -8.26 -14.43
C THR A 135 20.43 -8.53 -14.51
N ILE A 136 20.91 -8.89 -15.71
CA ILE A 136 22.35 -9.15 -15.88
C ILE A 136 23.15 -7.87 -15.62
N LYS A 137 22.70 -6.73 -16.15
CA LYS A 137 23.43 -5.47 -15.92
C LYS A 137 23.49 -5.10 -14.43
N PHE A 138 22.38 -5.26 -13.70
CA PHE A 138 22.41 -4.99 -12.27
C PHE A 138 23.25 -6.00 -11.51
N ALA A 139 23.22 -7.27 -11.91
CA ALA A 139 24.08 -8.26 -11.28
C ALA A 139 25.55 -7.90 -11.41
N LEU A 140 25.94 -7.28 -12.53
CA LEU A 140 27.34 -7.02 -12.80
C LEU A 140 27.81 -5.64 -12.32
N THR A 141 26.88 -4.71 -12.11
CA THR A 141 27.22 -3.38 -11.63
C THR A 141 26.73 -3.11 -10.21
N GLN A 142 25.77 -3.89 -9.71
CA GLN A 142 25.26 -3.73 -8.37
C GLN A 142 25.35 -5.04 -7.60
N GLY A 143 26.39 -5.84 -7.86
CA GLY A 143 26.49 -7.14 -7.24
C GLY A 143 26.52 -7.10 -5.72
N ASP A 144 26.83 -5.94 -5.14
CA ASP A 144 26.87 -5.77 -3.70
C ASP A 144 25.49 -5.63 -3.08
N LYS A 145 24.46 -5.40 -3.88
CA LYS A 145 23.11 -5.16 -3.40
C LYS A 145 22.23 -6.41 -3.45
N PHE A 146 22.55 -7.36 -4.30
CA PHE A 146 21.72 -8.53 -4.54
C PHE A 146 22.56 -9.78 -4.32
N ALA A 147 22.04 -10.71 -3.54
CA ALA A 147 22.75 -11.96 -3.31
C ALA A 147 22.55 -12.95 -4.44
N LYS A 148 21.45 -12.83 -5.17
CA LYS A 148 21.06 -13.78 -6.19
C LYS A 148 20.39 -13.05 -7.34
N ALA A 149 20.64 -13.52 -8.57
CA ALA A 149 20.07 -12.91 -9.76
C ALA A 149 19.62 -14.00 -10.71
N VAL A 150 18.45 -13.78 -11.31
CA VAL A 150 17.83 -14.79 -12.18
C VAL A 150 17.40 -14.16 -13.51
N PRO A 151 18.26 -14.19 -14.54
CA PRO A 151 17.83 -13.77 -15.87
C PRO A 151 17.05 -14.89 -16.55
N LEU A 152 15.86 -14.55 -17.03
CA LEU A 152 14.98 -15.46 -17.76
C LEU A 152 14.91 -15.05 -19.23
N SER A 153 15.24 -15.97 -20.13
CA SER A 153 15.11 -15.72 -21.57
C SER A 153 15.67 -14.35 -21.94
N ALA A 154 16.88 -14.07 -21.46
CA ALA A 154 17.41 -12.73 -21.59
C ALA A 154 17.79 -12.43 -23.04
N VAL A 155 17.64 -11.16 -23.40
CA VAL A 155 18.31 -10.61 -24.57
C VAL A 155 19.66 -10.04 -24.14
N PHE A 156 20.55 -9.85 -25.11
CA PHE A 156 21.89 -9.36 -24.82
C PHE A 156 22.19 -8.06 -25.55
N GLU A 157 21.18 -7.44 -26.14
CA GLU A 157 21.27 -6.09 -26.68
C GLU A 157 19.90 -5.46 -26.50
N ALA A 158 19.85 -4.13 -26.62
CA ALA A 158 18.60 -3.39 -26.45
C ALA A 158 17.87 -3.13 -27.77
N GLN A 159 18.09 -3.97 -28.78
CA GLN A 159 17.47 -3.76 -30.08
C GLN A 159 15.94 -3.77 -30.02
N ASN A 160 15.35 -4.54 -29.10
CA ASN A 160 13.89 -4.54 -28.97
C ASN A 160 13.33 -3.14 -28.73
N LEU A 161 14.16 -2.22 -28.21
CA LEU A 161 13.71 -0.85 -28.04
C LEU A 161 13.15 -0.29 -29.33
N MET A 162 13.75 -0.68 -30.45
CA MET A 162 13.35 -0.13 -31.74
C MET A 162 12.02 -0.69 -32.25
N ASP A 163 11.44 -1.67 -31.57
CA ASP A 163 10.24 -2.36 -32.06
C ASP A 163 8.96 -1.65 -31.65
N LEU A 164 8.92 -0.36 -31.95
CA LEU A 164 7.76 0.49 -31.71
C LEU A 164 7.70 1.43 -32.92
N GLU A 165 6.51 1.99 -33.17
CA GLU A 165 6.35 2.87 -34.34
C GLU A 165 6.86 4.28 -34.04
N TRP A 166 8.16 4.35 -33.76
CA TRP A 166 8.84 5.62 -33.57
C TRP A 166 8.91 6.41 -34.87
N ASN A 167 8.93 7.73 -34.76
CA ASN A 167 9.23 8.54 -35.94
C ASN A 167 10.73 8.52 -36.22
N ASP A 168 11.11 9.09 -37.36
CA ASP A 168 12.51 9.02 -37.78
C ASP A 168 13.41 9.75 -36.79
N PHE A 169 12.97 10.91 -36.30
CA PHE A 169 13.72 11.62 -35.27
C PHE A 169 14.03 10.71 -34.09
N SER A 170 13.01 9.99 -33.60
CA SER A 170 13.21 9.17 -32.41
C SER A 170 14.02 7.93 -32.74
N LYS A 171 13.79 7.33 -33.92
CA LYS A 171 14.63 6.22 -34.36
C LYS A 171 16.10 6.63 -34.36
N GLU A 172 16.41 7.74 -35.03
CA GLU A 172 17.80 8.18 -35.09
C GLU A 172 18.36 8.44 -33.71
N ALA A 173 17.53 8.94 -32.78
CA ALA A 173 18.01 9.21 -31.44
C ALA A 173 18.33 7.91 -30.69
N GLU A 185 29.84 -0.38 -22.31
CA GLU A 185 29.31 -0.19 -20.92
C GLU A 185 27.84 -0.58 -20.77
N HIS A 186 27.05 -0.63 -21.84
CA HIS A 186 25.73 -1.28 -21.75
C HIS A 186 25.78 -2.69 -22.36
N ASP A 187 26.96 -3.22 -22.67
CA ASP A 187 27.21 -4.55 -23.23
C ASP A 187 27.40 -5.51 -22.07
N PRO A 188 26.52 -6.51 -21.89
CA PRO A 188 26.74 -7.48 -20.81
C PRO A 188 28.14 -8.06 -20.79
N TYR A 189 28.72 -8.32 -21.96
CA TYR A 189 30.04 -8.95 -21.98
C TYR A 189 31.10 -7.97 -21.50
N TYR A 190 30.97 -6.69 -21.87
CA TYR A 190 31.88 -5.68 -21.35
C TYR A 190 31.78 -5.55 -19.83
N LEU A 191 30.54 -5.55 -19.32
CA LEU A 191 30.31 -5.44 -17.88
C LEU A 191 30.83 -6.68 -17.15
N LEU A 192 30.71 -7.85 -17.78
CA LEU A 192 31.22 -9.08 -17.19
C LEU A 192 32.74 -9.06 -17.14
N ASP A 193 33.40 -8.74 -18.26
CA ASP A 193 34.86 -8.59 -18.26
C ASP A 193 35.28 -7.65 -17.15
N LYS A 194 34.60 -6.50 -17.02
CA LYS A 194 34.96 -5.51 -16.03
C LYS A 194 34.80 -6.04 -14.62
N ALA A 195 33.69 -6.73 -14.37
CA ALA A 195 33.46 -7.26 -13.03
C ALA A 195 34.50 -8.30 -12.65
N VAL A 196 34.87 -9.18 -13.59
CA VAL A 196 35.89 -10.18 -13.29
C VAL A 196 37.25 -9.51 -13.14
N ALA A 197 37.59 -8.58 -14.04
CA ALA A 197 38.90 -7.94 -13.98
C ALA A 197 39.09 -7.18 -12.66
N GLU A 198 38.04 -6.49 -12.20
CA GLU A 198 38.12 -5.68 -10.99
C GLU A 198 37.77 -6.46 -9.73
N ASP A 199 37.51 -7.77 -9.85
CA ASP A 199 37.23 -8.61 -8.69
C ASP A 199 35.99 -8.15 -7.95
N LYS A 200 34.96 -7.73 -8.70
CA LYS A 200 33.71 -7.31 -8.09
C LYS A 200 32.89 -8.51 -7.61
N GLN A 201 32.00 -8.22 -6.66
CA GLN A 201 31.05 -9.21 -6.20
C GLN A 201 30.01 -9.47 -7.28
N ILE A 202 29.76 -10.74 -7.59
CA ILE A 202 28.73 -11.12 -8.54
C ILE A 202 27.73 -12.00 -7.80
N PRO A 203 26.42 -11.72 -7.92
CA PRO A 203 25.44 -12.54 -7.24
C PRO A 203 25.48 -13.98 -7.73
N LYS A 204 24.95 -14.88 -6.91
CA LYS A 204 24.69 -16.23 -7.37
C LYS A 204 23.72 -16.16 -8.55
N LEU A 205 24.02 -16.90 -9.62
CA LEU A 205 23.29 -16.79 -10.86
C LEU A 205 22.53 -18.07 -11.16
N LEU A 206 21.23 -17.91 -11.45
CA LEU A 206 20.38 -18.97 -12.00
C LEU A 206 19.86 -18.42 -13.32
N ILE A 207 20.30 -19.02 -14.43
CA ILE A 207 19.97 -18.57 -15.77
C ILE A 207 19.06 -19.58 -16.43
N MET A 208 17.94 -19.12 -16.97
CA MET A 208 16.93 -20.01 -17.54
C MET A 208 16.53 -19.53 -18.93
N CYS A 209 16.27 -20.49 -19.82
CA CYS A 209 15.75 -20.17 -21.14
C CYS A 209 15.11 -21.43 -21.70
N GLY A 210 13.99 -21.24 -22.41
CA GLY A 210 13.34 -22.37 -23.03
C GLY A 210 14.01 -22.76 -24.34
N LYS A 211 13.99 -24.06 -24.64
CA LYS A 211 14.75 -24.56 -25.78
C LYS A 211 14.19 -24.14 -27.14
N GLN A 212 12.93 -23.73 -27.21
CA GLN A 212 12.36 -23.27 -28.47
C GLN A 212 12.44 -21.75 -28.65
N ASP A 213 12.97 -21.03 -27.66
CA ASP A 213 13.12 -19.58 -27.73
C ASP A 213 14.14 -19.20 -28.79
N PHE A 214 13.81 -18.18 -29.59
CA PHE A 214 14.79 -17.65 -30.54
C PHE A 214 16.10 -17.28 -29.85
N LEU A 215 16.03 -16.92 -28.56
CA LEU A 215 17.20 -16.47 -27.81
C LEU A 215 17.97 -17.59 -27.14
N TYR A 216 17.58 -18.85 -27.36
CA TYR A 216 18.26 -19.94 -26.68
C TYR A 216 19.76 -19.96 -27.00
N GLN A 217 20.13 -19.82 -28.28
CA GLN A 217 21.56 -19.88 -28.60
C GLN A 217 22.33 -18.72 -27.99
N ASP A 218 21.73 -17.53 -27.95
CA ASP A 218 22.39 -16.40 -27.29
C ASP A 218 22.64 -16.71 -25.81
N ASN A 219 21.73 -17.44 -25.17
CA ASN A 219 21.92 -17.77 -23.76
C ASN A 219 22.97 -18.86 -23.57
N LEU A 220 23.03 -19.82 -24.52
CA LEU A 220 24.08 -20.83 -24.48
C LEU A 220 25.43 -20.18 -24.68
N ASP A 221 25.50 -19.18 -25.57
CA ASP A 221 26.76 -18.48 -25.77
C ASP A 221 27.20 -17.78 -24.50
N PHE A 222 26.25 -17.20 -23.78
CA PHE A 222 26.59 -16.45 -22.57
C PHE A 222 27.09 -17.37 -21.47
N ILE A 223 26.43 -18.52 -21.26
CA ILE A 223 26.90 -19.39 -20.17
C ILE A 223 28.23 -20.04 -20.56
N ASP A 224 28.46 -20.28 -21.84
CA ASP A 224 29.78 -20.74 -22.26
C ASP A 224 30.84 -19.72 -21.87
N TYR A 225 30.55 -18.45 -22.09
CA TYR A 225 31.52 -17.39 -21.73
C TYR A 225 31.68 -17.31 -20.21
N LEU A 226 30.60 -17.48 -19.44
CA LEU A 226 30.73 -17.51 -17.99
C LEU A 226 31.62 -18.66 -17.53
N SER A 227 31.48 -19.83 -18.17
CA SER A 227 32.35 -20.95 -17.83
C SER A 227 33.82 -20.62 -18.10
N ARG A 228 34.08 -20.06 -19.29
CA ARG A 228 35.46 -19.77 -19.68
C ARG A 228 36.10 -18.70 -18.81
N ILE A 229 35.31 -17.75 -18.31
CA ILE A 229 35.84 -16.66 -17.50
C ILE A 229 35.73 -16.96 -16.01
N ASN A 230 35.25 -18.15 -15.64
CA ASN A 230 35.29 -18.69 -14.27
C ASN A 230 34.31 -18.00 -13.32
N VAL A 231 33.14 -17.64 -13.82
CA VAL A 231 32.05 -17.11 -13.00
C VAL A 231 31.05 -18.23 -12.77
N PRO A 232 30.74 -18.58 -11.52
CA PRO A 232 29.82 -19.71 -11.29
C PRO A 232 28.40 -19.35 -11.64
N TYR A 233 27.65 -20.37 -12.07
CA TYR A 233 26.25 -20.19 -12.38
C TYR A 233 25.55 -21.55 -12.40
N GLN A 234 24.22 -21.50 -12.37
CA GLN A 234 23.37 -22.64 -12.69
C GLN A 234 22.55 -22.28 -13.91
N PHE A 235 22.42 -23.21 -14.85
CA PHE A 235 21.61 -23.01 -16.05
C PHE A 235 20.54 -24.08 -16.11
N GLU A 236 19.29 -23.67 -16.24
CA GLU A 236 18.18 -24.60 -16.36
C GLU A 236 17.42 -24.29 -17.63
N ASP A 237 17.19 -25.33 -18.41
CA ASP A 237 16.46 -25.19 -19.64
C ASP A 237 15.45 -26.32 -19.71
N GLY A 238 14.68 -26.31 -20.77
CA GLY A 238 13.66 -27.30 -20.99
C GLY A 238 12.77 -26.77 -22.07
N PRO A 239 11.71 -27.49 -22.38
CA PRO A 239 10.77 -27.00 -23.40
C PRO A 239 10.17 -25.66 -22.97
N GLY A 240 10.03 -24.77 -23.91
CA GLY A 240 9.40 -23.48 -23.67
C GLY A 240 9.86 -22.50 -24.70
N ASP A 241 8.99 -21.49 -24.89
CA ASP A 241 9.25 -20.42 -25.87
C ASP A 241 9.31 -19.08 -25.14
N HIS A 242 9.29 -18.00 -25.90
CA HIS A 242 9.39 -16.65 -25.35
C HIS A 242 8.01 -16.12 -24.97
N ASP A 243 7.45 -16.69 -23.89
CA ASP A 243 6.11 -16.32 -23.49
C ASP A 243 5.89 -16.64 -22.01
N TYR A 244 4.74 -16.21 -21.50
CA TYR A 244 4.40 -16.35 -20.09
C TYR A 244 4.02 -17.77 -19.69
N ALA A 245 3.62 -18.63 -20.63
CA ALA A 245 3.57 -20.05 -20.28
C ALA A 245 4.92 -20.53 -19.75
N TYR A 246 6.02 -20.11 -20.39
CA TYR A 246 7.35 -20.46 -19.90
C TYR A 246 7.69 -19.67 -18.63
N TRP A 247 7.43 -18.36 -18.62
CA TRP A 247 7.91 -17.55 -17.50
C TRP A 247 7.15 -17.88 -16.22
N ASP A 248 5.88 -18.33 -16.33
CA ASP A 248 5.15 -18.79 -15.16
C ASP A 248 5.86 -19.97 -14.50
N GLN A 249 6.22 -20.98 -15.29
CA GLN A 249 6.96 -22.13 -14.76
C GLN A 249 8.34 -21.71 -14.24
N ALA A 250 9.02 -20.85 -15.00
CA ALA A 250 10.37 -20.46 -14.64
C ALA A 250 10.39 -19.63 -13.37
N ILE A 251 9.45 -18.70 -13.20
CA ILE A 251 9.48 -17.89 -11.98
C ILE A 251 9.09 -18.71 -10.77
N LYS A 252 8.23 -19.74 -10.93
CA LYS A 252 7.99 -20.66 -9.83
C LYS A 252 9.29 -21.29 -9.35
N ARG A 253 10.06 -21.85 -10.29
CA ARG A 253 11.34 -22.48 -9.95
C ARG A 253 12.30 -21.48 -9.34
N ALA A 254 12.37 -20.27 -9.90
CA ALA A 254 13.28 -19.25 -9.42
C ALA A 254 12.98 -18.85 -7.99
N ILE A 255 11.70 -18.71 -7.65
CA ILE A 255 11.36 -18.26 -6.30
C ILE A 255 11.76 -19.35 -5.30
N THR A 256 11.48 -20.61 -5.59
CA THR A 256 11.92 -21.69 -4.71
C THR A 256 13.44 -21.66 -4.51
N TRP A 257 14.19 -21.46 -5.60
CA TRP A 257 15.64 -21.43 -5.53
C TRP A 257 16.14 -20.24 -4.74
N MET A 258 15.53 -19.07 -4.93
CA MET A 258 15.97 -17.85 -4.26
C MET A 258 15.90 -17.99 -2.74
N VAL A 259 14.79 -18.53 -2.24
CA VAL A 259 14.57 -18.47 -0.79
C VAL A 259 15.18 -19.65 -0.06
N ASN A 260 15.73 -20.63 -0.77
CA ASN A 260 16.38 -21.76 -0.10
C ASN A 260 17.90 -21.67 -0.12
N SER B 7 5.21 19.39 -3.78
CA SER B 7 4.38 18.46 -3.02
C SER B 7 3.76 17.39 -3.91
N HIS B 8 4.06 16.13 -3.61
CA HIS B 8 3.56 15.00 -4.36
C HIS B 8 3.00 13.98 -3.38
N MET B 9 2.08 13.17 -3.88
CA MET B 9 1.47 12.11 -3.12
C MET B 9 1.59 10.78 -3.82
N ALA B 10 1.81 9.71 -3.05
CA ALA B 10 1.68 8.36 -3.57
C ALA B 10 0.26 7.89 -3.30
N TYR B 11 -0.40 7.38 -4.34
CA TYR B 11 -1.74 6.85 -4.26
C TYR B 11 -1.63 5.33 -4.18
N ILE B 12 -2.16 4.73 -3.11
CA ILE B 12 -1.97 3.30 -2.84
C ILE B 12 -3.30 2.62 -2.68
N SER B 13 -3.47 1.50 -3.36
CA SER B 13 -4.58 0.58 -3.12
C SER B 13 -4.03 -0.72 -2.55
N LEU B 14 -4.61 -1.19 -1.45
N LEU B 14 -4.59 -1.15 -1.42
CA LEU B 14 -4.13 -2.40 -0.78
CA LEU B 14 -4.20 -2.37 -0.73
C LEU B 14 -5.28 -3.35 -0.52
C LEU B 14 -5.38 -3.33 -0.65
N ASN B 15 -5.11 -4.60 -0.92
N ASN B 15 -5.12 -4.61 -0.90
CA ASN B 15 -6.07 -5.69 -0.70
CA ASN B 15 -6.08 -5.69 -0.70
C ASN B 15 -5.38 -6.69 0.20
C ASN B 15 -5.41 -6.73 0.18
N TYR B 16 -5.94 -6.96 1.38
CA TYR B 16 -5.27 -7.85 2.31
C TYR B 16 -6.30 -8.72 3.00
N HIS B 17 -5.85 -9.86 3.53
CA HIS B 17 -6.71 -10.67 4.39
C HIS B 17 -6.68 -10.13 5.82
N SER B 18 -7.85 -9.75 6.33
CA SER B 18 -8.00 -9.21 7.68
C SER B 18 -8.18 -10.33 8.68
N PRO B 19 -7.24 -10.50 9.64
CA PRO B 19 -7.44 -11.49 10.72
C PRO B 19 -8.68 -11.21 11.54
N THR B 20 -9.03 -9.94 11.72
CA THR B 20 -10.15 -9.59 12.58
C THR B 20 -11.47 -9.94 11.93
N ILE B 21 -11.66 -9.55 10.67
CA ILE B 21 -12.91 -9.82 9.95
C ILE B 21 -12.93 -11.24 9.45
N GLY B 22 -11.75 -11.79 9.13
CA GLY B 22 -11.67 -13.12 8.57
C GLY B 22 -11.91 -13.20 7.10
N MET B 23 -11.83 -12.09 6.38
CA MET B 23 -11.94 -12.11 4.93
C MET B 23 -11.12 -10.95 4.38
N HIS B 24 -11.07 -10.88 3.05
CA HIS B 24 -10.29 -9.84 2.42
C HIS B 24 -10.98 -8.48 2.53
N GLN B 25 -10.15 -7.45 2.66
CA GLN B 25 -10.58 -6.07 2.80
C GLN B 25 -9.70 -5.19 1.94
N ASN B 26 -10.28 -4.14 1.39
CA ASN B 26 -9.54 -3.15 0.63
C ASN B 26 -9.30 -1.89 1.45
N LEU B 27 -8.13 -1.29 1.27
CA LEU B 27 -7.75 -0.04 1.88
C LEU B 27 -7.25 0.90 0.79
N THR B 28 -7.54 2.18 0.93
CA THR B 28 -6.89 3.25 0.17
C THR B 28 -5.97 4.02 1.12
N VAL B 29 -4.73 4.25 0.71
CA VAL B 29 -3.76 5.02 1.47
C VAL B 29 -3.17 6.06 0.54
N ILE B 30 -3.20 7.34 0.96
CA ILE B 30 -2.48 8.37 0.22
C ILE B 30 -1.35 8.84 1.14
N LEU B 31 -0.14 8.76 0.63
CA LEU B 31 1.08 8.91 1.41
C LEU B 31 1.88 10.04 0.85
N PRO B 32 2.02 11.19 1.52
CA PRO B 32 2.85 12.26 0.94
C PRO B 32 4.26 11.78 0.68
N GLU B 33 4.86 12.31 -0.39
CA GLU B 33 6.23 11.97 -0.68
C GLU B 33 7.11 12.89 0.15
N ASP B 34 8.08 12.28 0.83
CA ASP B 34 9.03 13.01 1.65
C ASP B 34 10.43 12.65 1.17
N GLN B 35 11.35 13.61 1.22
CA GLN B 35 12.68 13.37 0.70
C GLN B 35 13.38 12.22 1.43
N SER B 36 13.06 11.99 2.71
CA SER B 36 13.69 10.89 3.44
C SER B 36 13.31 9.52 2.88
N PHE B 37 12.21 9.41 2.16
CA PHE B 37 11.77 8.13 1.60
C PHE B 37 12.60 7.71 0.39
N PHE B 38 13.42 8.60 -0.15
CA PHE B 38 14.25 8.31 -1.32
C PHE B 38 15.72 8.27 -0.98
N ASN B 39 16.06 8.45 0.28
CA ASN B 39 17.46 8.52 0.71
C ASN B 39 17.71 7.31 1.58
N SER B 40 18.48 6.35 1.07
CA SER B 40 18.73 5.13 1.83
C SER B 40 19.62 5.36 3.05
N ASP B 41 20.27 6.51 3.18
CA ASP B 41 21.18 6.74 4.29
C ASP B 41 20.54 7.47 5.47
N THR B 42 19.30 7.92 5.33
CA THR B 42 18.60 8.60 6.41
C THR B 42 17.43 7.77 6.89
N THR B 43 17.03 8.02 8.13
CA THR B 43 15.82 7.43 8.69
C THR B 43 14.59 8.07 8.04
N VAL B 44 13.46 7.36 8.05
CA VAL B 44 12.25 7.94 7.50
C VAL B 44 11.68 8.95 8.48
N LYS B 45 11.13 10.05 7.96
CA LYS B 45 10.49 11.04 8.84
C LYS B 45 9.01 10.70 8.90
N PRO B 46 8.47 10.32 10.07
CA PRO B 46 7.10 9.81 10.11
C PRO B 46 6.05 10.88 9.86
N LEU B 47 5.04 10.51 9.11
CA LEU B 47 4.01 11.44 8.67
C LEU B 47 2.86 11.56 9.64
N LYS B 48 2.29 12.76 9.73
CA LYS B 48 0.98 12.94 10.34
C LYS B 48 -0.06 12.14 9.56
N THR B 49 -1.02 11.55 10.28
CA THR B 49 -1.90 10.56 9.72
C THR B 49 -3.34 10.75 10.15
N LEU B 50 -4.26 10.67 9.18
CA LEU B 50 -5.69 10.74 9.41
C LEU B 50 -6.32 9.40 9.05
N MET B 51 -7.06 8.83 9.99
CA MET B 51 -7.97 7.73 9.73
C MET B 51 -9.34 8.28 9.33
N LEU B 52 -9.82 7.93 8.13
CA LEU B 52 -11.04 8.50 7.59
C LEU B 52 -12.07 7.41 7.34
N LEU B 53 -13.27 7.60 7.91
CA LEU B 53 -14.27 6.53 7.99
C LEU B 53 -15.52 6.89 7.21
N HIS B 54 -15.83 6.10 6.19
CA HIS B 54 -16.97 6.38 5.32
C HIS B 54 -18.27 5.82 5.92
N GLY B 55 -19.40 6.24 5.35
CA GLY B 55 -20.72 5.78 5.75
C GLY B 55 -21.25 4.65 4.88
N LEU B 56 -22.55 4.36 5.02
CA LEU B 56 -23.07 3.07 4.56
C LEU B 56 -23.33 2.99 3.07
N SER B 57 -23.17 4.07 2.34
CA SER B 57 -23.37 4.09 0.90
C SER B 57 -22.06 4.21 0.16
N SER B 58 -20.95 3.97 0.84
CA SER B 58 -19.62 4.19 0.36
C SER B 58 -18.74 2.96 0.55
N ASP B 59 -17.56 3.03 -0.05
CA ASP B 59 -16.48 2.08 0.15
C ASP B 59 -15.17 2.88 0.20
N GLU B 60 -14.04 2.17 0.15
CA GLU B 60 -12.73 2.76 0.32
C GLU B 60 -12.34 3.71 -0.82
N THR B 61 -13.13 3.77 -1.89
CA THR B 61 -12.85 4.63 -3.03
C THR B 61 -13.72 5.89 -3.08
N THR B 62 -14.77 5.99 -2.25
CA THR B 62 -15.77 7.02 -2.49
C THR B 62 -15.28 8.41 -2.15
N TYR B 63 -14.53 8.56 -1.05
CA TYR B 63 -13.99 9.88 -0.74
C TYR B 63 -13.07 10.35 -1.85
N MET B 64 -12.24 9.43 -2.40
CA MET B 64 -11.37 9.81 -3.51
C MET B 64 -12.17 10.32 -4.69
N ARG B 65 -13.27 9.64 -5.02
CA ARG B 65 -14.03 9.96 -6.22
C ARG B 65 -14.92 11.19 -6.04
N TYR B 66 -15.58 11.32 -4.90
CA TYR B 66 -16.62 12.32 -4.72
C TYR B 66 -16.16 13.57 -4.00
N THR B 67 -14.88 13.65 -3.63
CA THR B 67 -14.29 14.85 -3.04
C THR B 67 -12.93 15.06 -3.68
N SER B 68 -12.29 16.18 -3.34
CA SER B 68 -10.89 16.40 -3.69
C SER B 68 -9.98 16.17 -2.49
N ILE B 69 -10.28 15.20 -1.62
CA ILE B 69 -9.49 15.03 -0.41
C ILE B 69 -8.00 14.90 -0.68
N GLU B 70 -7.61 14.19 -1.74
CA GLU B 70 -6.18 14.03 -1.97
C GLU B 70 -5.49 15.37 -2.20
N ARG B 71 -6.14 16.28 -2.93
CA ARG B 71 -5.60 17.61 -3.15
C ARG B 71 -5.43 18.36 -1.82
N TYR B 72 -6.40 18.23 -0.92
CA TYR B 72 -6.29 18.90 0.38
C TYR B 72 -5.15 18.30 1.20
N ALA B 73 -5.09 16.96 1.23
CA ALA B 73 -4.04 16.26 1.95
C ALA B 73 -2.67 16.57 1.41
N ASN B 74 -2.54 16.70 0.10
CA ASN B 74 -1.25 17.01 -0.50
C ASN B 74 -0.74 18.37 -0.06
N GLU B 75 -1.64 19.36 0.02
CA GLU B 75 -1.27 20.69 0.46
C GLU B 75 -0.73 20.69 1.88
N HIS B 76 -1.29 19.84 2.73
CA HIS B 76 -0.94 19.86 4.15
C HIS B 76 -0.06 18.70 4.56
N LYS B 77 0.54 17.98 3.60
CA LYS B 77 1.43 16.85 3.86
C LYS B 77 0.84 15.85 4.87
N LEU B 78 -0.40 15.44 4.62
CA LEU B 78 -1.15 14.57 5.51
C LEU B 78 -1.36 13.21 4.85
N ALA B 79 -0.87 12.14 5.50
CA ALA B 79 -1.24 10.79 5.09
C ALA B 79 -2.71 10.57 5.47
N VAL B 80 -3.45 9.91 4.59
CA VAL B 80 -4.85 9.54 4.89
C VAL B 80 -5.08 8.06 4.63
N ILE B 81 -5.72 7.40 5.60
CA ILE B 81 -6.05 5.98 5.54
C ILE B 81 -7.56 5.88 5.41
N MET B 82 -8.02 5.22 4.35
CA MET B 82 -9.45 5.07 4.08
C MET B 82 -9.77 3.59 3.97
N PRO B 83 -10.18 2.94 5.06
CA PRO B 83 -10.52 1.52 4.98
C PRO B 83 -11.93 1.30 4.44
N ASN B 84 -12.09 0.17 3.75
CA ASN B 84 -13.43 -0.30 3.46
C ASN B 84 -14.10 -0.81 4.74
N VAL B 85 -15.37 -0.44 4.91
CA VAL B 85 -16.16 -0.91 6.05
C VAL B 85 -17.39 -1.64 5.52
N ASP B 86 -17.47 -2.93 5.79
CA ASP B 86 -18.64 -3.71 5.40
C ASP B 86 -19.78 -3.48 6.39
N HIS B 87 -21.02 -3.50 5.88
CA HIS B 87 -22.18 -3.33 6.77
C HIS B 87 -22.15 -4.32 7.93
N SER B 88 -21.77 -5.55 7.66
CA SER B 88 -21.84 -6.59 8.69
C SER B 88 -20.86 -6.35 9.82
N ALA B 89 -19.85 -5.49 9.63
CA ALA B 89 -18.88 -5.25 10.69
C ALA B 89 -19.53 -4.62 11.91
N TYR B 90 -20.61 -3.84 11.71
CA TYR B 90 -21.15 -3.08 12.82
C TYR B 90 -21.97 -3.93 13.77
N ALA B 91 -22.77 -4.87 13.28
CA ALA B 91 -23.64 -5.58 14.18
C ALA B 91 -23.80 -7.07 13.93
N ASN B 92 -23.11 -7.66 12.96
CA ASN B 92 -23.24 -9.10 12.72
C ASN B 92 -22.07 -9.92 13.26
N MET B 93 -21.01 -9.30 13.73
CA MET B 93 -19.82 -10.04 14.13
C MET B 93 -19.76 -10.22 15.65
N ALA B 94 -19.03 -11.26 16.05
CA ALA B 94 -18.77 -11.50 17.45
C ALA B 94 -17.88 -10.43 18.06
N TYR B 95 -17.97 -10.29 19.39
CA TYR B 95 -17.08 -9.41 20.12
C TYR B 95 -15.64 -9.77 19.80
N GLY B 96 -14.83 -8.76 19.53
CA GLY B 96 -13.46 -8.96 19.12
C GLY B 96 -13.25 -9.02 17.63
N HIS B 97 -14.33 -9.18 16.86
CA HIS B 97 -14.22 -9.31 15.41
C HIS B 97 -15.12 -8.29 14.71
N SER B 98 -15.44 -7.19 15.37
N SER B 98 -15.43 -7.20 15.38
CA SER B 98 -16.40 -6.23 14.88
CA SER B 98 -16.42 -6.22 14.91
C SER B 98 -15.71 -4.97 14.39
C SER B 98 -15.71 -4.96 14.41
N TYR B 99 -16.52 -4.02 13.91
CA TYR B 99 -16.07 -2.72 13.43
C TYR B 99 -14.99 -2.09 14.29
N TYR B 100 -15.24 -2.01 15.61
CA TYR B 100 -14.28 -1.41 16.53
C TYR B 100 -12.92 -2.08 16.41
N ASP B 101 -12.88 -3.42 16.47
CA ASP B 101 -11.63 -4.14 16.43
C ASP B 101 -10.97 -4.01 15.07
N TYR B 102 -11.77 -3.99 14.02
CA TYR B 102 -11.26 -3.92 12.66
C TYR B 102 -10.57 -2.58 12.40
N ILE B 103 -11.21 -1.47 12.78
CA ILE B 103 -10.58 -0.18 12.56
C ILE B 103 -9.27 -0.10 13.33
N LEU B 104 -9.20 -0.69 14.53
CA LEU B 104 -7.95 -0.67 15.29
C LEU B 104 -6.91 -1.55 14.64
N GLU B 105 -7.33 -2.65 14.00
CA GLU B 105 -6.40 -3.46 13.21
C GLU B 105 -5.84 -2.66 12.06
N VAL B 106 -6.68 -1.95 11.32
CA VAL B 106 -6.19 -1.13 10.21
C VAL B 106 -5.16 -0.14 10.71
N TYR B 107 -5.49 0.54 11.82
CA TYR B 107 -4.57 1.48 12.42
C TYR B 107 -3.22 0.83 12.70
N ASP B 108 -3.23 -0.33 13.36
CA ASP B 108 -1.99 -0.99 13.75
C ASP B 108 -1.20 -1.41 12.51
N TYR B 109 -1.89 -2.02 11.52
CA TYR B 109 -1.23 -2.55 10.34
C TYR B 109 -0.54 -1.44 9.55
N VAL B 110 -1.26 -0.34 9.29
CA VAL B 110 -0.65 0.69 8.43
C VAL B 110 0.46 1.41 9.17
N HIS B 111 0.38 1.52 10.50
CA HIS B 111 1.47 2.15 11.24
C HIS B 111 2.68 1.23 11.36
N GLN B 112 2.50 -0.08 11.24
CA GLN B 112 3.65 -0.97 11.18
C GLN B 112 4.33 -0.93 9.82
N ILE B 113 3.54 -1.01 8.74
CA ILE B 113 4.14 -1.21 7.41
C ILE B 113 4.42 0.07 6.64
N PHE B 114 3.90 1.22 7.08
CA PHE B 114 4.14 2.49 6.42
C PHE B 114 4.83 3.50 7.36
N PRO B 115 5.46 4.54 6.79
CA PRO B 115 6.18 5.54 7.63
C PRO B 115 5.26 6.59 8.24
N LEU B 116 4.39 6.15 9.13
CA LEU B 116 3.35 6.96 9.75
C LEU B 116 3.73 7.20 11.20
N SER B 117 3.57 8.44 11.65
CA SER B 117 3.87 8.75 13.03
C SER B 117 2.97 7.94 13.97
N LYS B 118 3.58 7.46 15.04
CA LYS B 118 2.86 6.76 16.10
C LYS B 118 2.55 7.66 17.27
N LYS B 119 2.94 8.93 17.20
CA LYS B 119 2.64 9.87 18.28
C LYS B 119 1.20 10.35 18.22
N ARG B 120 0.59 10.46 19.39
CA ARG B 120 -0.78 10.93 19.51
C ARG B 120 -0.99 12.28 18.82
N ASP B 121 -0.04 13.21 19.02
CA ASP B 121 -0.21 14.55 18.46
C ASP B 121 -0.24 14.55 16.95
N ASP B 122 0.19 13.45 16.31
CA ASP B 122 0.26 13.35 14.86
C ASP B 122 -0.84 12.49 14.26
N ASN B 123 -1.81 12.05 15.06
CA ASN B 123 -2.84 11.14 14.59
C ASN B 123 -4.24 11.67 14.83
N PHE B 124 -5.05 11.62 13.77
CA PHE B 124 -6.38 12.20 13.75
C PHE B 124 -7.37 11.17 13.22
N ILE B 125 -8.65 11.39 13.50
CA ILE B 125 -9.70 10.50 13.02
C ILE B 125 -10.90 11.35 12.65
N ALA B 126 -11.58 10.93 11.59
CA ALA B 126 -12.72 11.68 11.08
C ALA B 126 -13.61 10.74 10.30
N GLY B 127 -14.86 11.15 10.09
CA GLY B 127 -15.77 10.36 9.28
C GLY B 127 -17.15 10.94 9.32
N HIS B 128 -17.98 10.48 8.38
CA HIS B 128 -19.34 10.98 8.29
C HIS B 128 -20.39 9.89 8.47
N SER B 129 -21.54 10.31 9.03
CA SER B 129 -22.73 9.47 9.23
C SER B 129 -22.34 8.28 10.12
N MET B 130 -22.43 7.04 9.67
CA MET B 130 -21.95 5.96 10.54
C MET B 130 -20.46 6.07 10.81
N GLY B 131 -19.68 6.62 9.86
CA GLY B 131 -18.30 6.94 10.14
C GLY B 131 -18.12 8.04 11.16
N GLY B 132 -19.14 8.88 11.37
CA GLY B 132 -19.08 9.88 12.40
C GLY B 132 -19.40 9.26 13.76
N TYR B 133 -20.33 8.30 13.76
CA TYR B 133 -20.52 7.44 14.94
C TYR B 133 -19.22 6.72 15.30
N GLY B 134 -18.57 6.12 14.30
CA GLY B 134 -17.25 5.53 14.53
C GLY B 134 -16.27 6.52 15.13
N THR B 135 -16.22 7.73 14.53
CA THR B 135 -15.26 8.73 14.99
C THR B 135 -15.46 9.06 16.45
N ILE B 136 -16.70 9.33 16.86
CA ILE B 136 -16.96 9.69 18.26
C ILE B 136 -16.74 8.50 19.17
N LYS B 137 -17.04 7.28 18.70
CA LYS B 137 -16.76 6.11 19.55
C LYS B 137 -15.25 5.95 19.79
N PHE B 138 -14.43 6.13 18.75
CA PHE B 138 -12.99 6.03 18.93
C PHE B 138 -12.45 7.20 19.74
N ALA B 139 -13.02 8.40 19.57
CA ALA B 139 -12.59 9.53 20.39
C ALA B 139 -12.81 9.27 21.88
N LEU B 140 -13.86 8.54 22.24
CA LEU B 140 -14.22 8.34 23.64
C LEU B 140 -13.72 7.03 24.21
N THR B 141 -13.15 6.14 23.40
CA THR B 141 -12.55 4.89 23.87
C THR B 141 -11.06 4.75 23.58
N GLN B 142 -10.55 5.48 22.59
CA GLN B 142 -9.14 5.49 22.19
C GLN B 142 -8.58 6.91 22.21
N GLY B 143 -8.99 7.69 23.22
CA GLY B 143 -8.57 9.09 23.34
C GLY B 143 -7.07 9.29 23.48
N ASP B 144 -6.35 8.28 23.96
CA ASP B 144 -4.89 8.35 24.06
C ASP B 144 -4.20 8.07 22.74
N LYS B 145 -4.94 7.72 21.70
CA LYS B 145 -4.41 7.42 20.39
C LYS B 145 -4.55 8.58 19.41
N PHE B 146 -5.59 9.38 19.54
CA PHE B 146 -5.88 10.43 18.58
C PHE B 146 -5.91 11.78 19.28
N ALA B 147 -5.21 12.76 18.71
CA ALA B 147 -5.18 14.09 19.30
C ALA B 147 -6.42 14.89 18.94
N LYS B 148 -7.03 14.58 17.81
CA LYS B 148 -8.13 15.36 17.25
C LYS B 148 -9.08 14.40 16.56
N ALA B 149 -10.38 14.70 16.63
CA ALA B 149 -11.44 13.88 16.05
C ALA B 149 -12.48 14.81 15.44
N VAL B 150 -12.96 14.46 14.24
CA VAL B 150 -13.88 15.29 13.48
C VAL B 150 -15.07 14.44 13.02
N PRO B 151 -16.13 14.39 13.83
CA PRO B 151 -17.38 13.76 13.37
C PRO B 151 -18.14 14.69 12.43
N LEU B 152 -18.49 14.18 11.27
CA LEU B 152 -19.21 14.90 10.22
C LEU B 152 -20.60 14.29 10.09
N SER B 153 -21.64 15.12 10.19
CA SER B 153 -23.00 14.67 9.96
C SER B 153 -23.25 13.33 10.67
N ALA B 154 -22.86 13.29 11.95
CA ALA B 154 -22.70 12.01 12.64
C ALA B 154 -24.02 11.49 13.22
N VAL B 155 -24.08 10.17 13.31
CA VAL B 155 -25.09 9.41 14.05
C VAL B 155 -24.68 9.35 15.51
N PHE B 156 -25.43 10.02 16.38
CA PHE B 156 -25.15 10.07 17.81
C PHE B 156 -26.15 9.32 18.67
N GLU B 157 -27.29 8.94 18.09
CA GLU B 157 -28.39 8.38 18.86
C GLU B 157 -28.83 7.06 18.27
N ALA B 158 -29.33 6.20 19.17
CA ALA B 158 -29.76 4.88 18.76
C ALA B 158 -30.88 4.94 17.72
N GLN B 159 -31.83 5.86 17.88
CA GLN B 159 -32.91 5.82 16.92
C GLN B 159 -32.46 6.21 15.53
N ASN B 160 -31.37 6.99 15.42
CA ASN B 160 -30.86 7.30 14.09
C ASN B 160 -30.57 6.04 13.28
N LEU B 161 -30.27 4.92 13.98
CA LEU B 161 -29.77 3.73 13.30
C LEU B 161 -30.82 3.13 12.38
N MET B 162 -32.09 3.31 12.70
CA MET B 162 -33.14 2.73 11.89
C MET B 162 -33.41 3.53 10.63
N ASP B 163 -32.84 4.72 10.48
CA ASP B 163 -33.07 5.56 9.32
C ASP B 163 -32.02 5.35 8.23
N LEU B 164 -31.09 4.44 8.42
CA LEU B 164 -29.92 4.34 7.57
C LEU B 164 -30.06 3.24 6.52
N GLU B 165 -29.10 3.23 5.59
CA GLU B 165 -29.15 2.38 4.39
C GLU B 165 -28.54 1.01 4.58
N TRP B 166 -28.81 0.37 5.70
CA TRP B 166 -28.31 -0.96 5.96
C TRP B 166 -28.77 -1.96 4.91
N ASN B 167 -27.89 -2.91 4.57
CA ASN B 167 -28.33 -4.07 3.78
C ASN B 167 -29.21 -4.99 4.66
N ASP B 168 -29.76 -6.04 4.03
CA ASP B 168 -30.78 -6.83 4.70
C ASP B 168 -30.25 -7.54 5.93
N PHE B 169 -29.09 -8.19 5.80
CA PHE B 169 -28.55 -8.98 6.93
C PHE B 169 -28.12 -8.07 8.08
N SER B 170 -27.53 -6.90 7.77
CA SER B 170 -27.13 -5.99 8.84
C SER B 170 -28.36 -5.32 9.44
N LYS B 171 -29.35 -4.97 8.62
CA LYS B 171 -30.57 -4.36 9.17
C LYS B 171 -31.24 -5.30 10.16
N GLU B 172 -31.26 -6.60 9.87
CA GLU B 172 -31.91 -7.53 10.79
C GLU B 172 -31.19 -7.56 12.14
N ALA B 173 -29.86 -7.44 12.14
CA ALA B 173 -29.10 -7.38 13.39
C ALA B 173 -29.35 -6.07 14.11
N ILE B 174 -29.47 -4.96 13.37
CA ILE B 174 -29.77 -3.66 13.98
C ILE B 174 -31.15 -3.69 14.64
N ILE B 175 -32.19 -4.15 13.92
CA ILE B 175 -33.51 -4.23 14.52
C ILE B 175 -33.47 -5.12 15.75
N GLY B 176 -32.79 -6.27 15.65
CA GLY B 176 -32.84 -7.27 16.71
C GLY B 176 -32.09 -6.89 17.97
N ASN B 177 -31.19 -5.93 17.88
CA ASN B 177 -30.40 -5.48 19.02
C ASN B 177 -30.67 -4.03 19.39
N LEU B 178 -31.63 -3.39 18.73
CA LEU B 178 -31.96 -2.00 19.03
C LEU B 178 -32.30 -1.82 20.50
N SER B 179 -33.02 -2.78 21.09
CA SER B 179 -33.40 -2.65 22.48
C SER B 179 -32.22 -2.80 23.44
N SER B 180 -31.03 -3.06 22.93
CA SER B 180 -29.84 -3.24 23.75
C SER B 180 -28.79 -2.15 23.54
N VAL B 181 -29.10 -1.08 22.79
CA VAL B 181 -28.09 -0.08 22.49
C VAL B 181 -27.97 0.93 23.62
N LYS B 182 -29.08 1.53 24.02
CA LYS B 182 -29.02 2.62 24.99
C LYS B 182 -28.35 2.17 26.29
N GLY B 183 -27.47 3.04 26.79
CA GLY B 183 -26.81 2.76 28.06
C GLY B 183 -25.74 1.68 28.02
N THR B 184 -25.18 1.42 26.85
CA THR B 184 -24.14 0.43 26.65
C THR B 184 -22.99 1.08 25.88
N GLU B 185 -21.92 0.29 25.67
CA GLU B 185 -20.78 0.75 24.89
C GLU B 185 -21.12 1.08 23.46
N HIS B 186 -22.34 0.79 23.01
CA HIS B 186 -22.76 1.16 21.67
C HIS B 186 -23.47 2.50 21.61
N ASP B 187 -23.71 3.13 22.74
CA ASP B 187 -24.44 4.40 22.84
C ASP B 187 -23.44 5.52 23.06
N PRO B 188 -23.29 6.47 22.13
CA PRO B 188 -22.26 7.51 22.31
C PRO B 188 -22.43 8.29 23.59
N TYR B 189 -23.67 8.46 24.05
CA TYR B 189 -23.89 9.22 25.28
C TYR B 189 -23.39 8.46 26.50
N TYR B 190 -23.54 7.14 26.51
CA TYR B 190 -22.97 6.33 27.57
C TYR B 190 -21.45 6.36 27.53
N LEU B 191 -20.88 6.28 26.32
CA LEU B 191 -19.42 6.36 26.22
C LEU B 191 -18.91 7.69 26.72
N LEU B 192 -19.66 8.75 26.44
CA LEU B 192 -19.25 10.09 26.86
C LEU B 192 -19.23 10.19 28.37
N ASP B 193 -20.31 9.73 29.01
CA ASP B 193 -20.38 9.76 30.47
C ASP B 193 -19.29 8.92 31.11
N LYS B 194 -18.95 7.78 30.50
CA LYS B 194 -17.91 6.92 31.04
C LYS B 194 -16.52 7.55 30.87
N ALA B 195 -16.27 8.15 29.70
CA ALA B 195 -14.94 8.70 29.43
C ALA B 195 -14.58 9.78 30.44
N VAL B 196 -15.53 10.66 30.75
CA VAL B 196 -15.33 11.70 31.75
CA VAL B 196 -15.28 11.69 31.75
C VAL B 196 -15.03 11.06 33.10
N ALA B 197 -15.81 10.04 33.46
CA ALA B 197 -15.70 9.44 34.78
C ALA B 197 -14.33 8.81 35.01
N GLU B 198 -13.77 8.16 33.99
CA GLU B 198 -12.48 7.51 34.11
C GLU B 198 -11.33 8.47 33.79
N ASP B 199 -11.61 9.78 33.77
CA ASP B 199 -10.60 10.81 33.56
C ASP B 199 -9.82 10.52 32.29
N LYS B 200 -10.52 10.12 31.25
CA LYS B 200 -9.86 9.75 30.01
C LYS B 200 -9.57 11.00 29.18
N GLN B 201 -8.44 10.97 28.51
CA GLN B 201 -8.15 11.93 27.47
C GLN B 201 -9.25 11.89 26.41
N ILE B 202 -9.79 13.06 26.08
CA ILE B 202 -10.73 13.20 24.96
C ILE B 202 -10.03 14.04 23.90
N PRO B 203 -9.99 13.58 22.66
CA PRO B 203 -9.36 14.38 21.60
C PRO B 203 -10.04 15.74 21.46
N LYS B 204 -9.30 16.72 20.93
CA LYS B 204 -9.95 17.95 20.51
C LYS B 204 -11.00 17.61 19.46
N LEU B 205 -12.21 18.17 19.62
CA LEU B 205 -13.35 17.85 18.78
C LEU B 205 -13.74 19.00 17.86
N LEU B 206 -13.86 18.69 16.56
CA LEU B 206 -14.48 19.58 15.59
C LEU B 206 -15.68 18.81 15.03
N ILE B 207 -16.88 19.27 15.35
CA ILE B 207 -18.11 18.61 14.94
C ILE B 207 -18.79 19.47 13.89
N MET B 208 -19.16 18.87 12.76
CA MET B 208 -19.71 19.63 11.64
C MET B 208 -20.95 18.93 11.12
N CYS B 209 -21.95 19.74 10.75
CA CYS B 209 -23.14 19.20 10.11
C CYS B 209 -23.80 20.31 9.29
N GLY B 210 -24.36 19.95 8.15
CA GLY B 210 -25.12 20.91 7.37
C GLY B 210 -26.52 21.08 7.93
N LYS B 211 -27.04 22.30 7.76
CA LYS B 211 -28.33 22.66 8.36
C LYS B 211 -29.52 21.94 7.74
N GLN B 212 -29.39 21.38 6.54
CA GLN B 212 -30.48 20.65 5.90
C GLN B 212 -30.41 19.14 6.16
N ASP B 213 -29.39 18.67 6.86
CA ASP B 213 -29.21 17.24 7.10
C ASP B 213 -30.31 16.72 8.01
N PHE B 214 -30.81 15.51 7.71
CA PHE B 214 -31.83 14.92 8.59
C PHE B 214 -31.30 14.67 10.00
N LEU B 215 -29.98 14.66 10.19
CA LEU B 215 -29.37 14.45 11.50
C LEU B 215 -29.00 15.76 12.21
N TYR B 216 -29.33 16.91 11.63
CA TYR B 216 -28.85 18.17 12.17
C TYR B 216 -29.34 18.41 13.60
N GLN B 217 -30.64 18.22 13.85
CA GLN B 217 -31.15 18.48 15.19
C GLN B 217 -30.54 17.54 16.21
N ASP B 218 -30.32 16.27 15.84
CA ASP B 218 -29.65 15.35 16.78
C ASP B 218 -28.20 15.76 17.01
N ASN B 219 -27.57 16.37 16.01
CA ASN B 219 -26.25 16.96 16.21
C ASN B 219 -26.29 18.10 17.21
N LEU B 220 -27.30 18.98 17.10
CA LEU B 220 -27.42 20.08 18.06
C LEU B 220 -27.66 19.53 19.46
N ASP B 221 -28.46 18.49 19.57
CA ASP B 221 -28.73 17.92 20.89
C ASP B 221 -27.43 17.39 21.51
N PHE B 222 -26.59 16.76 20.71
CA PHE B 222 -25.35 16.20 21.22
C PHE B 222 -24.42 17.31 21.70
N ILE B 223 -24.23 18.36 20.89
CA ILE B 223 -23.31 19.41 21.33
C ILE B 223 -23.87 20.17 22.52
N ASP B 224 -25.18 20.30 22.63
CA ASP B 224 -25.78 20.88 23.82
C ASP B 224 -25.44 20.07 25.07
N TYR B 225 -25.48 18.75 24.97
CA TYR B 225 -25.06 17.92 26.08
C TYR B 225 -23.56 18.08 26.37
N LEU B 226 -22.72 18.07 25.33
CA LEU B 226 -21.30 18.37 25.54
C LEU B 226 -21.13 19.65 26.35
N SER B 227 -21.86 20.72 25.97
CA SER B 227 -21.73 21.98 26.69
C SER B 227 -22.12 21.81 28.16
N ARG B 228 -23.20 21.05 28.42
CA ARG B 228 -23.70 20.93 29.79
C ARG B 228 -22.75 20.13 30.68
N ILE B 229 -21.99 19.18 30.12
CA ILE B 229 -21.03 18.43 30.92
C ILE B 229 -19.59 18.93 30.71
N ASN B 230 -19.44 20.10 30.11
CA ASN B 230 -18.16 20.82 30.07
C ASN B 230 -17.09 20.07 29.30
N VAL B 231 -17.46 19.40 28.20
CA VAL B 231 -16.51 18.81 27.29
C VAL B 231 -16.24 19.80 26.17
N PRO B 232 -15.01 20.21 25.94
CA PRO B 232 -14.76 21.24 24.92
C PRO B 232 -14.97 20.71 23.51
N TYR B 233 -15.44 21.61 22.64
CA TYR B 233 -15.58 21.27 21.24
C TYR B 233 -15.71 22.55 20.43
N GLN B 234 -15.53 22.40 19.13
CA GLN B 234 -15.92 23.40 18.14
C GLN B 234 -17.01 22.81 17.27
N PHE B 235 -18.04 23.59 16.99
CA PHE B 235 -19.09 23.17 16.07
C PHE B 235 -19.22 24.14 14.92
N GLU B 236 -19.27 23.62 13.70
CA GLU B 236 -19.37 24.44 12.50
C GLU B 236 -20.53 23.89 11.67
N ASP B 237 -21.47 24.77 11.35
CA ASP B 237 -22.58 24.40 10.50
C ASP B 237 -22.69 25.45 9.40
N GLY B 238 -23.67 25.25 8.55
CA GLY B 238 -23.83 26.07 7.38
C GLY B 238 -24.80 25.34 6.48
N PRO B 239 -25.07 25.92 5.32
CA PRO B 239 -25.90 25.21 4.35
C PRO B 239 -25.24 23.91 3.96
N GLY B 240 -26.03 22.90 3.77
CA GLY B 240 -25.50 21.62 3.36
C GLY B 240 -26.43 20.51 3.82
N ASP B 241 -26.37 19.41 3.09
CA ASP B 241 -27.20 18.25 3.31
C ASP B 241 -26.30 17.04 3.52
N HIS B 242 -26.93 15.86 3.55
CA HIS B 242 -26.28 14.59 3.86
C HIS B 242 -25.69 13.99 2.59
N ASP B 243 -24.62 14.62 2.08
CA ASP B 243 -24.06 14.22 0.79
C ASP B 243 -22.63 14.72 0.66
N TYR B 244 -21.96 14.28 -0.43
CA TYR B 244 -20.55 14.55 -0.61
C TYR B 244 -20.29 15.96 -1.10
N ALA B 245 -21.29 16.66 -1.60
CA ALA B 245 -21.10 18.09 -1.84
C ALA B 245 -20.78 18.80 -0.53
N TYR B 246 -21.45 18.40 0.56
CA TYR B 246 -21.11 18.93 1.87
C TYR B 246 -19.82 18.32 2.42
N TRP B 247 -19.67 16.98 2.37
CA TRP B 247 -18.48 16.38 2.95
C TRP B 247 -17.19 16.80 2.23
N ASP B 248 -17.27 17.20 0.95
CA ASP B 248 -16.07 17.72 0.29
C ASP B 248 -15.62 19.03 0.95
N GLN B 249 -16.56 19.94 1.15
CA GLN B 249 -16.27 21.21 1.82
C GLN B 249 -15.82 21.01 3.25
N ALA B 250 -16.51 20.11 3.97
CA ALA B 250 -16.24 19.90 5.39
C ALA B 250 -14.88 19.24 5.60
N ILE B 251 -14.52 18.28 4.75
CA ILE B 251 -13.23 17.62 4.95
C ILE B 251 -12.08 18.53 4.58
N LYS B 252 -12.28 19.45 3.62
CA LYS B 252 -11.25 20.45 3.37
C LYS B 252 -11.01 21.30 4.61
N ARG B 253 -12.08 21.79 5.25
CA ARG B 253 -11.95 22.58 6.47
C ARG B 253 -11.33 21.76 7.58
N ALA B 254 -11.77 20.50 7.72
CA ALA B 254 -11.28 19.64 8.77
C ALA B 254 -9.77 19.41 8.66
N ILE B 255 -9.27 19.21 7.43
CA ILE B 255 -7.85 18.93 7.27
C ILE B 255 -7.03 20.15 7.62
N THR B 256 -7.46 21.34 7.19
CA THR B 256 -6.77 22.55 7.61
C THR B 256 -6.74 22.69 9.13
N TRP B 257 -7.85 22.42 9.79
CA TRP B 257 -7.93 22.51 11.24
C TRP B 257 -7.03 21.48 11.91
N MET B 258 -6.99 20.27 11.38
CA MET B 258 -6.20 19.20 11.97
C MET B 258 -4.72 19.55 12.06
N VAL B 259 -4.16 20.07 10.98
CA VAL B 259 -2.70 20.17 10.89
C VAL B 259 -2.17 21.46 11.50
N ASN B 260 -3.03 22.40 11.88
CA ASN B 260 -2.56 23.70 12.32
C ASN B 260 -2.55 23.96 13.83
MG MG C . 11.63 -7.37 -24.25
MG MG D . -24.32 6.04 7.12
MG MG E . -21.94 7.21 2.73
#